data_3KKZ
#
_entry.id   3KKZ
#
_cell.length_a   136.741
_cell.length_b   58.068
_cell.length_c   70.158
_cell.angle_alpha   90.00
_cell.angle_beta   98.27
_cell.angle_gamma   90.00
#
_symmetry.space_group_name_H-M   'C 1 2 1'
#
loop_
_entity.id
_entity.type
_entity.pdbx_description
1 polymer 'uncharacterized protein Q5LES9'
2 non-polymer S-ADENOSYLMETHIONINE
3 water water
#
_entity_poly.entity_id   1
_entity_poly.type   'polypeptide(L)'
_entity_poly.pdbx_seq_one_letter_code
;(MSE)SNENKTIHDFELNLICDFFSN(MSE)ERQGPGSPEVTLKALSFIDNLTEKSLIADIGCGTGGQT(MSE)VLAGHV
TGQVTGLDFLSGFIDIFNRNARQSGLQNRVTGIVGS(MSE)DDLPFRNEELDLIWSEGAIYNIGFERGLNEWRKYLKKGG
YLAVSECSWFTDERPAEINDFW(MSE)DAYPEIDTIPNQVAKIHKAGYLPVATFILPENCWTDHYFTPKVAAQKIFLTKY
AGNKIAEEFS(MSE)LQSIEEELYHKYKEYYGYTFFIAKKIRLLEHHHHHH
;
_entity_poly.pdbx_strand_id   A,B
#
# COMPACT_ATOMS: atom_id res chain seq x y z
N LYS A 6 2.27 12.80 41.02
CA LYS A 6 1.40 13.10 42.15
C LYS A 6 -0.03 12.65 41.86
N THR A 7 -0.23 12.09 40.66
CA THR A 7 -1.52 11.56 40.27
C THR A 7 -1.39 10.06 40.07
N ILE A 8 -2.52 9.39 39.87
CA ILE A 8 -2.49 7.99 39.47
C ILE A 8 -1.77 7.87 38.13
N HIS A 9 -1.94 8.89 37.29
CA HIS A 9 -1.34 8.92 35.95
C HIS A 9 0.19 8.93 35.99
N ASP A 10 0.75 9.72 36.90
CA ASP A 10 2.20 9.77 37.06
C ASP A 10 2.74 8.41 37.47
N PHE A 11 2.03 7.78 38.40
CA PHE A 11 2.36 6.43 38.82
C PHE A 11 2.11 5.47 37.66
N GLU A 12 1.04 5.75 36.90
CA GLU A 12 0.69 4.95 35.73
C GLU A 12 1.83 4.84 34.73
N LEU A 13 2.38 5.98 34.32
CA LEU A 13 3.47 6.00 33.34
C LEU A 13 4.60 5.07 33.80
N ASN A 14 4.84 5.08 35.10
CA ASN A 14 5.77 4.18 35.75
C ASN A 14 5.51 2.71 35.41
N LEU A 15 4.26 2.28 35.60
CA LEU A 15 3.83 0.92 35.28
C LEU A 15 3.93 0.60 33.80
N ILE A 16 3.43 1.51 32.98
CA ILE A 16 3.45 1.30 31.54
C ILE A 16 4.87 1.01 31.10
N CYS A 17 5.80 1.85 31.54
CA CYS A 17 7.18 1.68 31.18
C CYS A 17 7.71 0.32 31.62
N ASP A 18 7.49 -0.02 32.89
CA ASP A 18 7.88 -1.32 33.43
C ASP A 18 7.31 -2.46 32.62
N PHE A 19 6.00 -2.43 32.40
CA PHE A 19 5.31 -3.50 31.69
C PHE A 19 5.92 -3.70 30.30
N PHE A 20 6.01 -2.62 29.55
CA PHE A 20 6.40 -2.72 28.14
C PHE A 20 7.90 -2.80 27.92
N SER A 21 8.66 -2.48 28.94
CA SER A 21 10.12 -2.54 28.82
C SER A 21 10.62 -3.96 28.52
N ASN A 22 9.81 -4.96 28.85
CA ASN A 22 10.19 -6.34 28.60
C ASN A 22 9.67 -6.87 27.26
N GLU A 24 9.77 -6.46 22.88
CA GLU A 24 10.58 -6.00 21.76
C GLU A 24 9.84 -4.92 20.98
N ARG A 25 8.51 -4.95 21.03
CA ARG A 25 7.66 -3.94 20.42
C ARG A 25 6.59 -3.54 21.41
N GLN A 26 6.08 -2.31 21.29
CA GLN A 26 5.05 -1.82 22.20
C GLN A 26 3.73 -1.54 21.50
N GLY A 27 3.60 -2.06 20.28
CA GLY A 27 2.35 -1.98 19.54
C GLY A 27 2.40 -2.95 18.38
N PRO A 28 1.27 -3.11 17.68
CA PRO A 28 1.18 -4.06 16.56
C PRO A 28 2.19 -3.72 15.47
N GLY A 29 2.77 -4.76 14.88
CA GLY A 29 3.74 -4.58 13.80
C GLY A 29 4.52 -5.84 13.57
N SER A 30 5.45 -5.81 12.62
CA SER A 30 6.37 -6.91 12.41
C SER A 30 7.55 -6.39 11.59
N PRO A 31 8.68 -7.10 11.63
CA PRO A 31 9.81 -6.64 10.82
C PRO A 31 9.40 -6.62 9.34
N GLU A 32 8.60 -7.61 8.93
CA GLU A 32 8.16 -7.69 7.53
C GLU A 32 7.36 -6.44 7.13
N VAL A 33 6.49 -6.01 8.03
CA VAL A 33 5.68 -4.82 7.76
C VAL A 33 6.52 -3.56 7.71
N THR A 34 7.46 -3.43 8.64
CA THR A 34 8.35 -2.28 8.62
C THR A 34 9.10 -2.20 7.30
N LEU A 35 9.61 -3.35 6.85
CA LEU A 35 10.37 -3.37 5.60
C LEU A 35 9.48 -3.19 4.37
N LYS A 36 8.23 -3.66 4.45
CA LYS A 36 7.29 -3.44 3.36
C LYS A 36 7.02 -1.95 3.20
N ALA A 37 6.82 -1.26 4.32
CA ALA A 37 6.65 0.20 4.26
C ALA A 37 7.89 0.87 3.66
N LEU A 38 9.06 0.42 4.08
CA LEU A 38 10.33 1.00 3.65
C LEU A 38 10.50 0.81 2.14
N SER A 39 9.94 -0.26 1.61
CA SER A 39 10.12 -0.60 0.19
C SER A 39 9.48 0.42 -0.75
N PHE A 40 8.65 1.31 -0.20
CA PHE A 40 7.97 2.31 -1.02
C PHE A 40 8.70 3.65 -0.99
N ILE A 41 9.78 3.73 -0.22
CA ILE A 41 10.52 4.98 -0.09
C ILE A 41 11.75 4.97 -1.00
N ASP A 42 11.77 5.86 -1.98
CA ASP A 42 12.77 5.77 -3.04
C ASP A 42 13.82 6.87 -3.02
N ASN A 43 13.83 7.65 -1.94
CA ASN A 43 14.63 8.86 -1.89
C ASN A 43 15.92 8.77 -1.04
N LEU A 44 16.15 7.63 -0.41
CA LEU A 44 17.17 7.54 0.64
C LEU A 44 18.61 7.29 0.17
N THR A 45 19.54 7.93 0.85
CA THR A 45 20.97 7.70 0.62
C THR A 45 21.70 7.73 1.95
N GLU A 46 23.02 7.60 1.88
CA GLU A 46 23.88 7.61 3.05
C GLU A 46 23.78 8.95 3.78
N LYS A 47 23.35 9.99 3.07
CA LYS A 47 23.27 11.32 3.66
C LYS A 47 21.90 11.63 4.23
N SER A 48 20.97 10.68 4.14
CA SER A 48 19.60 10.93 4.58
C SER A 48 19.50 11.05 6.10
N LEU A 49 18.58 11.89 6.55
CA LEU A 49 18.29 12.03 7.97
C LEU A 49 16.88 11.52 8.22
N ILE A 50 16.76 10.56 9.13
CA ILE A 50 15.50 9.89 9.38
C ILE A 50 15.15 10.04 10.86
N ALA A 51 13.89 10.27 11.16
CA ALA A 51 13.44 10.29 12.56
C ALA A 51 12.28 9.33 12.75
N ASP A 52 12.28 8.63 13.87
CA ASP A 52 11.20 7.71 14.21
C ASP A 52 10.53 8.26 15.47
N ILE A 53 9.29 8.73 15.32
CA ILE A 53 8.59 9.47 16.38
C ILE A 53 7.71 8.54 17.20
N GLY A 54 7.79 8.63 18.52
CA GLY A 54 7.12 7.68 19.40
C GLY A 54 7.71 6.29 19.22
N CYS A 55 9.04 6.22 19.20
CA CYS A 55 9.75 4.99 18.84
C CYS A 55 9.69 3.87 19.88
N GLY A 56 9.26 4.18 21.09
CA GLY A 56 9.28 3.17 22.14
C GLY A 56 10.71 2.72 22.39
N THR A 57 10.91 1.42 22.61
CA THR A 57 12.26 0.89 22.82
C THR A 57 13.01 0.74 21.50
N GLY A 58 12.35 1.00 20.38
CA GLY A 58 13.03 1.02 19.09
C GLY A 58 13.12 -0.30 18.34
N GLY A 59 12.22 -1.23 18.62
CA GLY A 59 12.23 -2.51 17.92
C GLY A 59 12.17 -2.28 16.40
N GLN A 60 11.19 -1.50 15.96
CA GLN A 60 11.06 -1.20 14.53
C GLN A 60 12.20 -0.31 14.04
N THR A 61 12.75 0.53 14.93
CA THR A 61 13.80 1.45 14.52
C THR A 61 15.06 0.67 14.20
N VAL A 63 15.17 -2.40 13.06
CA VAL A 63 14.91 -3.04 11.77
C VAL A 63 15.14 -2.04 10.64
N LEU A 64 14.58 -0.84 10.80
CA LEU A 64 14.77 0.24 9.84
C LEU A 64 16.26 0.52 9.67
N ALA A 65 16.95 0.70 10.78
CA ALA A 65 18.37 1.07 10.76
C ALA A 65 19.23 0.06 10.01
N GLY A 66 18.85 -1.22 10.10
CA GLY A 66 19.60 -2.28 9.45
C GLY A 66 19.41 -2.33 7.94
N HIS A 67 18.47 -1.53 7.44
CA HIS A 67 18.11 -1.59 6.03
C HIS A 67 18.16 -0.22 5.35
N VAL A 68 18.72 0.76 6.06
CA VAL A 68 19.03 2.06 5.47
C VAL A 68 20.47 2.40 5.82
N THR A 69 21.06 3.32 5.06
CA THR A 69 22.45 3.72 5.28
C THR A 69 22.60 5.06 6.01
N GLY A 70 21.51 5.81 6.13
CA GLY A 70 21.56 7.13 6.72
C GLY A 70 21.48 7.15 8.24
N GLN A 71 21.28 8.35 8.79
CA GLN A 71 21.21 8.52 10.24
C GLN A 71 19.78 8.37 10.71
N VAL A 72 19.58 7.67 11.82
CA VAL A 72 18.23 7.49 12.34
C VAL A 72 18.17 7.98 13.78
N THR A 73 17.23 8.86 14.06
CA THR A 73 17.01 9.36 15.41
C THR A 73 15.65 8.92 15.89
N GLY A 74 15.62 8.17 16.99
CA GLY A 74 14.36 7.78 17.59
C GLY A 74 14.00 8.78 18.68
N LEU A 75 12.73 9.19 18.71
CA LEU A 75 12.28 10.12 19.73
C LEU A 75 11.10 9.54 20.50
N ASP A 76 11.16 9.61 21.83
CA ASP A 76 10.04 9.14 22.63
C ASP A 76 9.91 9.98 23.89
N PHE A 77 8.69 10.06 24.41
CA PHE A 77 8.42 10.82 25.62
C PHE A 77 9.02 10.15 26.86
N LEU A 78 9.08 8.82 26.85
CA LEU A 78 9.50 8.08 28.05
C LEU A 78 11.01 7.81 28.07
N SER A 79 11.71 8.43 29.01
CA SER A 79 13.16 8.27 29.10
C SER A 79 13.55 6.81 29.34
N GLY A 80 12.70 6.07 30.04
CA GLY A 80 12.93 4.65 30.25
C GLY A 80 12.99 3.88 28.95
N PHE A 81 12.12 4.21 28.01
CA PHE A 81 12.14 3.57 26.69
C PHE A 81 13.39 3.98 25.91
N ILE A 82 13.73 5.26 25.98
CA ILE A 82 14.91 5.75 25.27
C ILE A 82 16.20 5.16 25.86
N ASP A 83 16.24 4.93 27.17
CA ASP A 83 17.39 4.25 27.76
C ASP A 83 17.55 2.86 27.16
N ILE A 84 16.44 2.15 26.96
CA ILE A 84 16.49 0.82 26.36
C ILE A 84 16.89 0.89 24.88
N PHE A 85 16.31 1.86 24.18
CA PHE A 85 16.63 2.14 22.78
C PHE A 85 18.14 2.30 22.63
N ASN A 86 18.73 3.16 23.45
CA ASN A 86 20.16 3.42 23.34
C ASN A 86 21.01 2.23 23.77
N ARG A 87 20.53 1.50 24.77
CA ARG A 87 21.22 0.28 25.20
C ARG A 87 21.28 -0.73 24.06
N ASN A 88 20.19 -0.85 23.31
CA ASN A 88 20.15 -1.80 22.21
C ASN A 88 21.00 -1.36 21.02
N ALA A 89 21.00 -0.07 20.74
CA ALA A 89 21.85 0.49 19.69
C ALA A 89 23.31 0.26 20.05
N ARG A 90 23.64 0.44 21.32
CA ARG A 90 25.00 0.20 21.79
C ARG A 90 25.39 -1.27 21.62
N GLN A 91 24.48 -2.17 21.98
CA GLN A 91 24.73 -3.60 21.82
C GLN A 91 25.06 -3.94 20.38
N SER A 92 24.35 -3.32 19.45
CA SER A 92 24.51 -3.60 18.03
C SER A 92 25.65 -2.83 17.36
N GLY A 93 26.31 -1.96 18.12
CA GLY A 93 27.40 -1.16 17.58
C GLY A 93 26.91 -0.14 16.57
N LEU A 94 25.67 0.33 16.73
CA LEU A 94 25.04 1.21 15.75
C LEU A 94 25.06 2.68 16.12
N GLN A 95 25.75 3.05 17.20
CA GLN A 95 25.57 4.42 17.71
C GLN A 95 26.17 5.53 16.87
N ASN A 96 26.97 5.17 15.85
CA ASN A 96 27.41 6.19 14.89
C ASN A 96 26.25 6.73 14.07
N ARG A 97 25.19 5.94 13.94
CA ARG A 97 24.09 6.28 13.05
C ARG A 97 22.74 6.31 13.76
N VAL A 98 22.65 5.67 14.93
CA VAL A 98 21.35 5.47 15.56
C VAL A 98 21.35 6.04 16.98
N THR A 99 20.46 6.99 17.22
CA THR A 99 20.45 7.71 18.49
C THR A 99 19.02 7.87 18.99
N GLY A 100 18.80 7.60 20.26
CA GLY A 100 17.50 7.81 20.86
C GLY A 100 17.51 9.05 21.72
N ILE A 101 16.48 9.88 21.59
CA ILE A 101 16.36 11.11 22.34
C ILE A 101 14.98 11.25 22.99
N VAL A 102 14.93 11.94 24.13
CA VAL A 102 13.67 12.19 24.82
C VAL A 102 13.02 13.45 24.27
N GLY A 103 11.72 13.36 23.96
CA GLY A 103 11.01 14.53 23.46
C GLY A 103 9.54 14.24 23.31
N SER A 104 8.77 15.27 22.93
CA SER A 104 7.34 15.12 22.74
C SER A 104 6.96 15.43 21.30
N ASP A 106 4.42 16.68 20.06
CA ASP A 106 3.72 17.94 19.86
C ASP A 106 4.69 19.12 19.89
N ASP A 107 5.99 18.83 20.02
CA ASP A 107 7.01 19.86 20.14
C ASP A 107 8.34 19.31 19.64
N LEU A 108 8.40 18.92 18.37
CA LEU A 108 9.60 18.28 17.84
C LEU A 108 10.77 19.25 17.76
N PRO A 109 12.00 18.75 17.98
CA PRO A 109 13.21 19.57 18.04
C PRO A 109 13.89 19.83 16.69
N PHE A 110 13.32 19.32 15.61
CA PHE A 110 13.99 19.38 14.31
C PHE A 110 13.89 20.75 13.64
N ARG A 111 14.81 21.03 12.72
CA ARG A 111 14.76 22.25 11.92
C ARG A 111 13.75 22.07 10.78
N ASN A 112 13.27 23.18 10.22
CA ASN A 112 12.42 23.10 9.03
C ASN A 112 13.16 22.41 7.89
N GLU A 113 12.48 21.52 7.19
CA GLU A 113 13.05 20.79 6.06
C GLU A 113 14.35 20.04 6.38
N GLU A 114 14.49 19.58 7.62
CA GLU A 114 15.70 18.85 8.00
C GLU A 114 15.68 17.40 7.52
N LEU A 115 14.51 16.78 7.55
CA LEU A 115 14.39 15.32 7.47
C LEU A 115 13.96 14.78 6.10
N ASP A 116 14.53 13.65 5.72
CA ASP A 116 14.15 12.98 4.49
C ASP A 116 12.97 12.04 4.72
N LEU A 117 12.82 11.61 5.97
CA LEU A 117 11.85 10.59 6.30
C LEU A 117 11.48 10.71 7.77
N ILE A 118 10.18 10.76 8.03
CA ILE A 118 9.63 10.64 9.39
C ILE A 118 8.85 9.34 9.49
N TRP A 119 9.26 8.48 10.42
CA TRP A 119 8.64 7.21 10.67
C TRP A 119 7.82 7.33 11.94
N SER A 120 6.69 6.64 12.03
CA SER A 120 5.99 6.54 13.31
C SER A 120 5.06 5.35 13.31
N GLU A 121 5.36 4.33 14.11
CA GLU A 121 4.47 3.18 14.18
C GLU A 121 3.68 3.15 15.48
N GLY A 122 2.36 3.03 15.35
CA GLY A 122 1.49 2.90 16.51
C GLY A 122 1.68 4.00 17.53
N ALA A 123 1.86 5.24 17.07
CA ALA A 123 2.15 6.33 18.01
C ALA A 123 1.51 7.67 17.67
N ILE A 124 1.17 7.89 16.41
CA ILE A 124 0.64 9.20 16.01
C ILE A 124 -0.69 9.50 16.69
N TYR A 125 -1.39 8.45 17.12
CA TYR A 125 -2.68 8.62 17.81
C TYR A 125 -2.53 9.48 19.06
N ASN A 126 -1.30 9.57 19.59
CA ASN A 126 -1.07 10.40 20.78
C ASN A 126 -1.33 11.88 20.56
N ILE A 127 -1.11 12.36 19.34
CA ILE A 127 -1.50 13.73 19.03
C ILE A 127 -2.67 13.80 18.06
N GLY A 128 -2.96 12.68 17.42
CA GLY A 128 -4.03 12.62 16.42
C GLY A 128 -3.46 12.59 15.01
N PHE A 129 -4.01 11.70 14.19
CA PHE A 129 -3.57 11.52 12.79
C PHE A 129 -3.44 12.84 12.03
N GLU A 130 -4.54 13.59 11.93
CA GLU A 130 -4.54 14.80 11.13
C GLU A 130 -3.60 15.85 11.69
N ARG A 131 -3.55 15.94 13.01
CA ARG A 131 -2.67 16.90 13.64
C ARG A 131 -1.21 16.60 13.32
N GLY A 132 -0.84 15.33 13.41
CA GLY A 132 0.51 14.91 13.07
C GLY A 132 0.83 15.20 11.60
N LEU A 133 -0.10 14.83 10.71
CA LEU A 133 0.11 15.11 9.29
C LEU A 133 0.39 16.58 9.06
N ASN A 134 -0.40 17.43 9.73
CA ASN A 134 -0.30 18.86 9.55
C ASN A 134 0.94 19.46 10.18
N GLU A 135 1.22 19.08 11.42
CA GLU A 135 2.30 19.71 12.18
C GLU A 135 3.67 19.19 11.82
N TRP A 136 3.76 17.94 11.39
CA TRP A 136 5.07 17.35 11.12
C TRP A 136 5.59 17.71 9.74
N ARG A 137 4.69 18.19 8.87
CA ARG A 137 5.05 18.46 7.48
C ARG A 137 6.25 19.41 7.34
N LYS A 138 6.33 20.41 8.20
CA LYS A 138 7.36 21.44 8.05
C LYS A 138 8.78 20.88 8.24
N TYR A 139 8.90 19.77 8.96
CA TYR A 139 10.20 19.19 9.26
C TYR A 139 10.76 18.37 8.11
N LEU A 140 9.92 18.08 7.11
CA LEU A 140 10.34 17.25 6.00
C LEU A 140 10.90 18.09 4.87
N LYS A 141 11.97 17.60 4.24
CA LYS A 141 12.43 18.19 2.99
C LYS A 141 11.31 18.10 1.96
N LYS A 142 11.31 19.01 0.99
CA LYS A 142 10.38 18.87 -0.12
C LYS A 142 10.66 17.52 -0.78
N GLY A 143 9.61 16.75 -1.00
CA GLY A 143 9.76 15.43 -1.59
C GLY A 143 10.15 14.36 -0.58
N GLY A 144 10.25 14.73 0.69
CA GLY A 144 10.49 13.77 1.76
C GLY A 144 9.25 12.95 2.07
N TYR A 145 9.40 11.96 2.95
CA TYR A 145 8.33 11.01 3.20
C TYR A 145 7.89 10.94 4.65
N LEU A 146 6.59 10.69 4.83
CA LEU A 146 6.02 10.33 6.12
C LEU A 146 5.61 8.88 6.00
N ALA A 147 5.95 8.08 7.00
CA ALA A 147 5.52 6.68 7.00
C ALA A 147 4.98 6.38 8.38
N VAL A 148 3.66 6.28 8.49
CA VAL A 148 3.02 6.12 9.81
C VAL A 148 1.97 5.03 9.80
N SER A 149 1.89 4.27 10.90
CA SER A 149 0.81 3.31 11.05
C SER A 149 -0.21 3.85 12.06
N GLU A 150 -1.48 3.63 11.75
CA GLU A 150 -2.57 4.30 12.46
C GLU A 150 -3.77 3.36 12.56
N CYS A 151 -4.53 3.51 13.65
CA CYS A 151 -5.78 2.80 13.90
C CYS A 151 -6.80 3.09 12.79
N SER A 152 -7.43 2.04 12.25
CA SER A 152 -8.45 2.22 11.21
C SER A 152 -9.69 1.39 11.47
N TRP A 153 -10.85 1.95 11.12
CA TRP A 153 -12.07 1.17 10.96
C TRP A 153 -12.04 0.48 9.60
N PHE A 154 -12.55 -0.74 9.54
CA PHE A 154 -12.68 -1.46 8.26
C PHE A 154 -14.07 -1.31 7.61
N THR A 155 -15.02 -0.79 8.38
CA THR A 155 -16.40 -0.64 7.91
C THR A 155 -16.99 0.70 8.36
N ASP A 156 -18.17 1.05 7.83
CA ASP A 156 -18.81 2.32 8.20
C ASP A 156 -19.72 2.20 9.41
N GLU A 157 -20.17 0.98 9.66
CA GLU A 157 -21.05 0.70 10.79
C GLU A 157 -20.51 -0.52 11.54
N ARG A 158 -20.74 -0.56 12.84
CA ARG A 158 -20.14 -1.62 13.65
C ARG A 158 -20.90 -1.76 14.95
N PRO A 159 -20.65 -2.86 15.68
CA PRO A 159 -21.30 -3.07 16.98
C PRO A 159 -21.01 -1.94 17.96
N ALA A 160 -22.01 -1.61 18.77
CA ALA A 160 -21.90 -0.54 19.73
C ALA A 160 -20.72 -0.74 20.69
N GLU A 161 -20.47 -1.97 21.11
CA GLU A 161 -19.43 -2.21 22.10
C GLU A 161 -18.06 -1.74 21.62
N ILE A 162 -17.70 -2.08 20.38
CA ILE A 162 -16.37 -1.74 19.89
C ILE A 162 -16.33 -0.26 19.49
N ASN A 163 -17.45 0.26 18.99
CA ASN A 163 -17.53 1.69 18.75
C ASN A 163 -17.30 2.48 20.02
N ASP A 164 -18.00 2.09 21.09
CA ASP A 164 -17.91 2.78 22.37
C ASP A 164 -16.50 2.72 22.94
N PHE A 165 -15.86 1.56 22.83
CA PHE A 165 -14.47 1.41 23.29
C PHE A 165 -13.56 2.42 22.61
N TRP A 166 -13.65 2.52 21.29
CA TRP A 166 -12.78 3.42 20.54
C TRP A 166 -13.14 4.88 20.73
N ASP A 168 -14.08 6.16 23.34
CA ASP A 168 -13.45 6.50 24.60
C ASP A 168 -11.93 6.57 24.53
N ALA A 169 -11.31 5.60 23.83
CA ALA A 169 -9.85 5.50 23.80
C ALA A 169 -9.18 6.46 22.80
N TYR A 170 -9.75 6.54 21.61
CA TYR A 170 -9.18 7.34 20.54
C TYR A 170 -10.24 7.61 19.49
N PRO A 171 -11.03 8.67 19.68
CA PRO A 171 -12.19 8.89 18.81
C PRO A 171 -11.80 9.29 17.40
N GLU A 172 -10.53 9.56 17.15
CA GLU A 172 -10.13 9.96 15.80
C GLU A 172 -9.96 8.76 14.85
N ILE A 173 -10.11 7.55 15.36
CA ILE A 173 -10.08 6.39 14.46
C ILE A 173 -11.07 6.62 13.31
N ASP A 174 -10.70 6.23 12.09
CA ASP A 174 -11.52 6.54 10.92
C ASP A 174 -11.34 5.44 9.89
N THR A 175 -12.17 5.45 8.85
CA THR A 175 -12.04 4.47 7.78
C THR A 175 -10.87 4.81 6.86
N ILE A 176 -10.42 3.81 6.11
CA ILE A 176 -9.23 3.96 5.26
C ILE A 176 -9.44 4.99 4.15
N PRO A 177 -10.61 4.97 3.46
CA PRO A 177 -10.79 6.01 2.44
C PRO A 177 -10.74 7.41 3.05
N ASN A 178 -11.34 7.59 4.22
CA ASN A 178 -11.30 8.89 4.89
C ASN A 178 -9.86 9.29 5.26
N GLN A 179 -9.08 8.31 5.71
CA GLN A 179 -7.70 8.57 6.10
C GLN A 179 -6.81 8.90 4.90
N VAL A 180 -7.01 8.20 3.79
CA VAL A 180 -6.29 8.54 2.56
C VAL A 180 -6.65 9.95 2.11
N ALA A 181 -7.93 10.32 2.24
CA ALA A 181 -8.34 11.68 1.89
C ALA A 181 -7.63 12.71 2.76
N LYS A 182 -7.42 12.37 4.03
CA LYS A 182 -6.76 13.28 4.95
C LYS A 182 -5.28 13.47 4.62
N ILE A 183 -4.65 12.40 4.14
CA ILE A 183 -3.26 12.44 3.68
C ILE A 183 -3.15 13.44 2.53
N HIS A 184 -4.01 13.25 1.55
CA HIS A 184 -4.07 14.09 0.37
C HIS A 184 -4.34 15.55 0.76
N LYS A 185 -5.34 15.75 1.62
CA LYS A 185 -5.72 17.10 2.03
C LYS A 185 -4.63 17.82 2.80
N ALA A 186 -3.77 17.07 3.49
CA ALA A 186 -2.67 17.64 4.27
C ALA A 186 -1.47 17.99 3.39
N GLY A 187 -1.57 17.69 2.10
CA GLY A 187 -0.50 18.03 1.18
C GLY A 187 0.53 16.95 0.92
N TYR A 188 0.11 15.68 1.03
CA TYR A 188 0.99 14.58 0.70
C TYR A 188 0.37 13.70 -0.37
N LEU A 189 1.22 13.14 -1.22
CA LEU A 189 0.81 12.15 -2.20
C LEU A 189 0.74 10.80 -1.51
N PRO A 190 -0.42 10.14 -1.54
CA PRO A 190 -0.54 8.83 -0.88
C PRO A 190 0.13 7.71 -1.68
N VAL A 191 1.45 7.64 -1.59
CA VAL A 191 2.26 6.73 -2.39
C VAL A 191 1.95 5.25 -2.11
N ALA A 192 1.72 4.92 -0.85
CA ALA A 192 1.33 3.56 -0.50
C ALA A 192 0.52 3.53 0.78
N THR A 193 -0.50 2.68 0.80
CA THR A 193 -1.36 2.53 1.98
C THR A 193 -1.68 1.05 2.10
N PHE A 194 -1.32 0.42 3.21
CA PHE A 194 -1.64 -1.00 3.35
C PHE A 194 -2.00 -1.41 4.76
N ILE A 195 -2.89 -2.40 4.85
CA ILE A 195 -3.39 -2.88 6.14
C ILE A 195 -2.44 -3.90 6.74
N LEU A 196 -2.15 -3.76 8.03
CA LEU A 196 -1.33 -4.75 8.72
C LEU A 196 -2.07 -6.08 8.90
N PRO A 197 -1.38 -7.19 8.63
CA PRO A 197 -1.89 -8.55 8.83
C PRO A 197 -2.25 -8.78 10.29
N GLU A 198 -3.17 -9.70 10.53
CA GLU A 198 -3.56 -10.07 11.88
C GLU A 198 -2.36 -10.51 12.73
N ASN A 199 -1.35 -11.13 12.12
CA ASN A 199 -0.22 -11.63 12.91
C ASN A 199 0.61 -10.50 13.55
N CYS A 200 0.45 -9.28 13.05
CA CYS A 200 1.08 -8.13 13.67
C CYS A 200 0.50 -7.86 15.04
N TRP A 201 -0.76 -8.24 15.23
CA TRP A 201 -1.47 -8.03 16.49
C TRP A 201 -1.27 -9.20 17.45
N THR A 202 -1.29 -10.40 16.89
CA THR A 202 -1.29 -11.61 17.71
C THR A 202 0.14 -12.11 17.98
N ASP A 203 0.73 -12.77 16.99
CA ASP A 203 2.07 -13.31 17.13
C ASP A 203 3.08 -12.26 17.58
N HIS A 204 2.95 -11.04 17.08
CA HIS A 204 3.97 -10.02 17.29
C HIS A 204 3.66 -9.03 18.40
N TYR A 205 2.50 -9.16 19.02
CA TYR A 205 2.13 -8.20 20.07
C TYR A 205 1.40 -8.85 21.26
N PHE A 206 0.19 -9.35 21.05
CA PHE A 206 -0.55 -9.92 22.18
C PHE A 206 0.16 -11.13 22.78
N THR A 207 0.77 -11.96 21.93
CA THR A 207 1.41 -13.17 22.42
C THR A 207 2.64 -12.91 23.29
N PRO A 208 3.54 -12.03 22.84
CA PRO A 208 4.70 -11.72 23.70
C PRO A 208 4.23 -10.98 24.94
N LYS A 209 3.07 -10.35 24.84
CA LYS A 209 2.52 -9.56 25.92
C LYS A 209 2.13 -10.43 27.12
N VAL A 210 1.82 -11.69 26.87
CA VAL A 210 1.47 -12.61 27.95
C VAL A 210 2.68 -12.86 28.84
N ALA A 211 3.85 -13.05 28.24
CA ALA A 211 5.09 -13.25 29.00
C ALA A 211 5.45 -12.00 29.79
N ALA A 212 5.28 -10.84 29.16
CA ALA A 212 5.55 -9.57 29.81
C ALA A 212 4.59 -9.34 30.98
N GLN A 213 3.35 -9.75 30.80
CA GLN A 213 2.33 -9.56 31.83
C GLN A 213 2.64 -10.42 33.05
N LYS A 214 3.12 -11.64 32.81
CA LYS A 214 3.47 -12.56 33.89
C LYS A 214 4.66 -12.06 34.72
N ILE A 215 5.60 -11.38 34.07
CA ILE A 215 6.72 -10.74 34.75
C ILE A 215 6.22 -9.53 35.55
N PHE A 216 5.39 -8.73 34.90
CA PHE A 216 4.84 -7.52 35.52
C PHE A 216 4.04 -7.85 36.79
N LEU A 217 3.17 -8.86 36.69
CA LEU A 217 2.28 -9.21 37.80
C LEU A 217 3.04 -9.78 38.99
N THR A 218 4.09 -10.55 38.75
CA THR A 218 4.89 -11.03 39.86
C THR A 218 5.61 -9.88 40.55
N LYS A 219 6.13 -8.95 39.76
CA LYS A 219 6.85 -7.79 40.29
C LYS A 219 5.96 -6.84 41.08
N TYR A 220 4.76 -6.61 40.57
CA TYR A 220 3.81 -5.66 41.16
C TYR A 220 2.66 -6.37 41.86
N ALA A 221 2.86 -7.62 42.26
CA ALA A 221 1.82 -8.40 42.91
C ALA A 221 1.20 -7.64 44.08
N GLY A 222 -0.11 -7.56 44.11
CA GLY A 222 -0.80 -6.92 45.21
C GLY A 222 -1.01 -5.42 45.06
N ASN A 223 -0.38 -4.81 44.07
CA ASN A 223 -0.57 -3.38 43.85
C ASN A 223 -1.84 -3.12 43.06
N LYS A 224 -2.72 -2.31 43.64
CA LYS A 224 -4.06 -2.08 43.09
C LYS A 224 -4.03 -1.50 41.69
N ILE A 225 -3.27 -0.42 41.52
CA ILE A 225 -3.18 0.25 40.23
C ILE A 225 -2.57 -0.66 39.18
N ALA A 226 -1.57 -1.44 39.57
CA ALA A 226 -0.92 -2.38 38.65
C ALA A 226 -1.89 -3.45 38.18
N GLU A 227 -2.65 -4.01 39.11
CA GLU A 227 -3.62 -5.05 38.76
C GLU A 227 -4.72 -4.51 37.85
N GLU A 228 -5.13 -3.26 38.08
CA GLU A 228 -6.10 -2.61 37.21
C GLU A 228 -5.52 -2.46 35.81
N PHE A 229 -4.33 -1.89 35.74
CA PHE A 229 -3.63 -1.72 34.47
C PHE A 229 -3.57 -3.03 33.71
N SER A 230 -3.27 -4.11 34.42
CA SER A 230 -3.15 -5.42 33.82
C SER A 230 -4.49 -5.91 33.26
N LEU A 232 -6.95 -4.03 32.16
CA LEU A 232 -7.22 -3.25 30.95
C LEU A 232 -6.51 -3.87 29.75
N GLN A 233 -5.29 -4.32 29.96
CA GLN A 233 -4.53 -4.97 28.88
C GLN A 233 -5.26 -6.21 28.38
N SER A 234 -5.81 -6.98 29.33
CA SER A 234 -6.55 -8.18 28.96
C SER A 234 -7.77 -7.84 28.12
N ILE A 235 -8.48 -6.80 28.53
CA ILE A 235 -9.67 -6.35 27.80
C ILE A 235 -9.31 -6.01 26.36
N GLU A 236 -8.21 -5.29 26.17
CA GLU A 236 -7.75 -4.89 24.84
C GLU A 236 -7.63 -6.11 23.90
N GLU A 237 -7.02 -7.18 24.39
CA GLU A 237 -6.85 -8.38 23.59
C GLU A 237 -8.19 -9.09 23.34
N GLU A 238 -9.01 -9.17 24.38
CA GLU A 238 -10.34 -9.77 24.23
C GLU A 238 -11.14 -9.06 23.14
N LEU A 239 -11.08 -7.73 23.13
CA LEU A 239 -11.83 -6.96 22.15
C LEU A 239 -11.33 -7.23 20.74
N TYR A 240 -10.01 -7.40 20.61
CA TYR A 240 -9.45 -7.66 19.29
C TYR A 240 -9.92 -9.01 18.76
N HIS A 241 -9.83 -10.05 19.59
CA HIS A 241 -10.27 -11.36 19.13
C HIS A 241 -11.76 -11.35 18.78
N LYS A 242 -12.55 -10.56 19.49
CA LYS A 242 -13.99 -10.49 19.24
C LYS A 242 -14.38 -9.61 18.04
N TYR A 243 -13.59 -8.55 17.80
CA TYR A 243 -14.00 -7.53 16.82
C TYR A 243 -12.98 -7.24 15.72
N LYS A 244 -11.99 -8.10 15.56
CA LYS A 244 -10.92 -7.81 14.60
C LYS A 244 -11.41 -7.64 13.16
N GLU A 245 -12.62 -8.11 12.86
CA GLU A 245 -13.14 -7.93 11.49
C GLU A 245 -13.46 -6.45 11.24
N TYR A 246 -13.57 -5.68 12.33
CA TYR A 246 -14.01 -4.29 12.25
C TYR A 246 -12.91 -3.25 12.35
N TYR A 247 -11.72 -3.63 12.79
CA TYR A 247 -10.65 -2.65 12.92
C TYR A 247 -9.28 -3.26 12.86
N GLY A 248 -8.28 -2.41 12.63
CA GLY A 248 -6.90 -2.84 12.62
C GLY A 248 -5.98 -1.65 12.52
N TYR A 249 -4.78 -1.89 12.00
CA TYR A 249 -3.80 -0.83 11.77
C TYR A 249 -3.55 -0.76 10.28
N THR A 250 -3.31 0.45 9.79
CA THR A 250 -2.97 0.67 8.40
C THR A 250 -1.70 1.50 8.33
N PHE A 251 -0.79 1.12 7.43
CA PHE A 251 0.44 1.87 7.24
C PHE A 251 0.24 2.84 6.09
N PHE A 252 0.55 4.12 6.33
CA PHE A 252 0.44 5.15 5.30
C PHE A 252 1.82 5.66 4.96
N ILE A 253 2.20 5.55 3.69
CA ILE A 253 3.47 6.09 3.23
C ILE A 253 3.14 7.24 2.29
N ALA A 254 3.60 8.43 2.63
CA ALA A 254 3.12 9.65 2.00
C ALA A 254 4.26 10.60 1.64
N LYS A 255 4.23 11.14 0.42
CA LYS A 255 5.30 12.01 -0.04
C LYS A 255 4.86 13.47 0.00
N LYS A 256 5.67 14.30 0.65
CA LYS A 256 5.40 15.73 0.72
C LYS A 256 5.64 16.36 -0.65
N ILE A 257 4.58 16.89 -1.26
CA ILE A 257 4.72 17.50 -2.57
C ILE A 257 4.08 18.88 -2.66
N ARG A 258 4.73 19.78 -3.40
CA ARG A 258 4.28 21.16 -3.50
C ARG A 258 2.94 21.27 -4.22
N LEU A 259 2.70 20.39 -5.17
CA LEU A 259 1.48 20.47 -5.98
C LEU A 259 0.21 20.29 -5.16
N LEU A 260 0.35 19.72 -3.96
CA LEU A 260 -0.79 19.51 -3.08
C LEU A 260 -0.85 20.55 -1.96
N GLU A 261 0.09 21.50 -2.01
CA GLU A 261 0.17 22.67 -1.12
C GLU A 261 1.61 22.91 -0.65
N GLU B 12 -8.42 1.48 -36.25
CA GLU B 12 -8.97 0.17 -35.90
C GLU B 12 -8.13 -0.49 -34.82
N LEU B 13 -8.69 -1.51 -34.18
CA LEU B 13 -7.94 -2.32 -33.22
C LEU B 13 -7.14 -3.37 -33.98
N ASN B 14 -7.31 -3.35 -35.29
CA ASN B 14 -6.63 -4.28 -36.19
C ASN B 14 -5.11 -4.10 -36.15
N LEU B 15 -4.67 -2.88 -36.46
CA LEU B 15 -3.26 -2.55 -36.41
C LEU B 15 -2.79 -2.50 -34.97
N ILE B 16 -3.70 -2.19 -34.07
CA ILE B 16 -3.37 -2.07 -32.64
C ILE B 16 -2.67 -3.34 -32.17
N CYS B 17 -3.27 -4.49 -32.44
CA CYS B 17 -2.64 -5.75 -32.11
C CYS B 17 -1.26 -5.82 -32.74
N ASP B 18 -1.19 -5.54 -34.04
CA ASP B 18 0.09 -5.58 -34.75
C ASP B 18 1.13 -4.68 -34.10
N PHE B 19 0.76 -3.43 -33.83
CA PHE B 19 1.67 -2.46 -33.22
C PHE B 19 2.23 -2.92 -31.88
N PHE B 20 1.33 -3.33 -30.99
CA PHE B 20 1.70 -3.65 -29.61
C PHE B 20 2.22 -5.08 -29.44
N SER B 21 2.07 -5.90 -30.48
CA SER B 21 2.50 -7.29 -30.41
C SER B 21 4.02 -7.42 -30.32
N ASN B 22 4.72 -6.33 -30.61
CA ASN B 22 6.18 -6.32 -30.52
C ASN B 22 6.68 -5.80 -29.17
N GLU B 24 6.70 -6.55 -24.75
CA GLU B 24 6.51 -7.56 -23.70
C GLU B 24 5.34 -7.20 -22.80
N ARG B 25 5.02 -5.92 -22.74
CA ARG B 25 3.87 -5.42 -21.98
C ARG B 25 3.16 -4.41 -22.86
N GLN B 26 1.85 -4.25 -22.67
CA GLN B 26 1.10 -3.32 -23.51
C GLN B 26 0.55 -2.15 -22.70
N GLY B 27 1.00 -2.04 -21.46
CA GLY B 27 0.68 -0.90 -20.60
C GLY B 27 1.76 -0.72 -19.55
N PRO B 28 1.68 0.38 -18.78
CA PRO B 28 2.68 0.65 -17.76
C PRO B 28 2.72 -0.46 -16.71
N GLY B 29 3.91 -0.78 -16.22
CA GLY B 29 4.06 -1.80 -15.20
C GLY B 29 5.51 -2.21 -15.12
N SER B 30 5.79 -3.21 -14.28
CA SER B 30 7.11 -3.82 -14.19
C SER B 30 6.98 -5.12 -13.39
N PRO B 31 7.95 -6.03 -13.54
CA PRO B 31 7.83 -7.26 -12.74
C PRO B 31 7.81 -6.91 -11.25
N GLU B 32 8.64 -5.95 -10.84
CA GLU B 32 8.70 -5.53 -9.44
C GLU B 32 7.33 -5.08 -8.92
N VAL B 33 6.59 -4.36 -9.75
CA VAL B 33 5.28 -3.85 -9.37
C VAL B 33 4.23 -4.97 -9.29
N THR B 34 4.25 -5.86 -10.27
CA THR B 34 3.36 -7.02 -10.24
C THR B 34 3.59 -7.82 -8.96
N LEU B 35 4.86 -8.04 -8.62
CA LEU B 35 5.18 -8.79 -7.42
C LEU B 35 4.85 -8.04 -6.13
N LYS B 36 4.99 -6.73 -6.14
CA LYS B 36 4.64 -5.94 -4.95
C LYS B 36 3.13 -6.06 -4.69
N ALA B 37 2.33 -5.97 -5.74
CA ALA B 37 0.89 -6.19 -5.58
C ALA B 37 0.60 -7.58 -5.03
N LEU B 38 1.26 -8.59 -5.62
CA LEU B 38 1.06 -9.98 -5.21
C LEU B 38 1.41 -10.18 -3.74
N SER B 39 2.38 -9.41 -3.23
CA SER B 39 2.86 -9.58 -1.86
C SER B 39 1.80 -9.29 -0.81
N PHE B 40 0.71 -8.64 -1.22
CA PHE B 40 -0.39 -8.31 -0.29
C PHE B 40 -1.51 -9.34 -0.28
N ILE B 41 -1.39 -10.36 -1.12
CA ILE B 41 -2.42 -11.39 -1.22
C ILE B 41 -2.03 -12.64 -0.43
N ASP B 42 -2.77 -12.91 0.64
CA ASP B 42 -2.34 -13.92 1.60
C ASP B 42 -3.23 -15.16 1.59
N ASN B 43 -4.03 -15.29 0.53
CA ASN B 43 -5.10 -16.28 0.45
C ASN B 43 -4.75 -17.54 -0.34
N LEU B 44 -3.66 -17.49 -1.10
CA LEU B 44 -3.46 -18.44 -2.19
C LEU B 44 -2.84 -19.78 -1.80
N THR B 45 -3.26 -20.82 -2.53
CA THR B 45 -2.73 -22.17 -2.40
C THR B 45 -2.65 -22.82 -3.77
N GLU B 46 -2.17 -24.06 -3.80
CA GLU B 46 -2.06 -24.81 -5.05
C GLU B 46 -3.43 -25.02 -5.68
N LYS B 47 -4.49 -24.88 -4.87
CA LYS B 47 -5.84 -25.11 -5.37
C LYS B 47 -6.53 -23.82 -5.83
N SER B 48 -5.84 -22.69 -5.71
CA SER B 48 -6.42 -21.41 -6.09
C SER B 48 -6.69 -21.30 -7.59
N LEU B 49 -7.77 -20.63 -7.94
CA LEU B 49 -8.07 -20.30 -9.33
C LEU B 49 -7.92 -18.81 -9.52
N ILE B 50 -7.14 -18.44 -10.53
CA ILE B 50 -6.76 -17.05 -10.76
C ILE B 50 -7.10 -16.66 -12.19
N ALA B 51 -7.62 -15.46 -12.39
CA ALA B 51 -7.86 -14.94 -13.72
C ALA B 51 -7.16 -13.60 -13.90
N ASP B 52 -6.59 -13.39 -15.08
CA ASP B 52 -5.97 -12.11 -15.41
C ASP B 52 -6.75 -11.53 -16.58
N ILE B 53 -7.48 -10.46 -16.32
CA ILE B 53 -8.46 -9.92 -17.28
C ILE B 53 -7.86 -8.76 -18.07
N GLY B 54 -8.02 -8.81 -19.39
CA GLY B 54 -7.34 -7.85 -20.25
C GLY B 54 -5.85 -8.09 -20.21
N CYS B 55 -5.47 -9.36 -20.28
CA CYS B 55 -4.08 -9.78 -20.01
C CYS B 55 -3.07 -9.39 -21.08
N GLY B 56 -3.55 -8.96 -22.25
CA GLY B 56 -2.66 -8.69 -23.35
C GLY B 56 -1.90 -9.94 -23.74
N THR B 57 -0.62 -9.79 -24.06
CA THR B 57 0.21 -10.94 -24.41
C THR B 57 0.64 -11.71 -23.16
N GLY B 58 0.31 -11.17 -21.98
CA GLY B 58 0.54 -11.88 -20.73
C GLY B 58 1.92 -11.72 -20.11
N GLY B 59 2.58 -10.60 -20.39
CA GLY B 59 3.87 -10.35 -19.77
C GLY B 59 3.78 -10.44 -18.25
N GLN B 60 2.81 -9.72 -17.68
CA GLN B 60 2.61 -9.76 -16.23
C GLN B 60 2.07 -11.10 -15.76
N THR B 61 1.33 -11.80 -16.63
CA THR B 61 0.75 -13.08 -16.24
C THR B 61 1.82 -14.14 -16.01
N VAL B 63 4.91 -13.61 -15.05
CA VAL B 63 5.58 -13.26 -13.80
C VAL B 63 4.71 -13.73 -12.63
N LEU B 64 3.43 -13.39 -12.68
CA LEU B 64 2.48 -13.84 -11.67
C LEU B 64 2.52 -15.37 -11.51
N ALA B 65 2.47 -16.08 -12.64
CA ALA B 65 2.42 -17.54 -12.65
C ALA B 65 3.61 -18.18 -11.96
N GLY B 66 4.78 -17.54 -12.08
CA GLY B 66 5.99 -18.08 -11.48
C GLY B 66 5.99 -17.93 -9.96
N HIS B 67 5.10 -17.09 -9.46
CA HIS B 67 5.10 -16.76 -8.04
C HIS B 67 3.86 -17.26 -7.30
N VAL B 68 3.04 -18.03 -8.01
CA VAL B 68 1.90 -18.70 -7.39
C VAL B 68 1.92 -20.15 -7.82
N THR B 69 1.23 -21.02 -7.07
CA THR B 69 1.19 -22.42 -7.41
C THR B 69 -0.13 -22.85 -8.04
N GLY B 70 -1.11 -21.96 -8.03
CA GLY B 70 -2.43 -22.25 -8.57
C GLY B 70 -2.55 -22.13 -10.08
N GLN B 71 -3.78 -22.23 -10.57
CA GLN B 71 -4.05 -22.17 -12.00
C GLN B 71 -4.39 -20.75 -12.44
N VAL B 72 -3.90 -20.36 -13.62
CA VAL B 72 -4.13 -19.01 -14.10
C VAL B 72 -4.77 -19.04 -15.48
N THR B 73 -5.86 -18.29 -15.62
CA THR B 73 -6.51 -18.09 -16.91
C THR B 73 -6.39 -16.63 -17.32
N GLY B 74 -5.74 -16.38 -18.46
CA GLY B 74 -5.66 -15.03 -18.98
C GLY B 74 -6.80 -14.84 -19.96
N LEU B 75 -7.47 -13.68 -19.91
CA LEU B 75 -8.52 -13.41 -20.87
C LEU B 75 -8.29 -12.06 -21.56
N ASP B 76 -8.42 -12.03 -22.88
CA ASP B 76 -8.29 -10.78 -23.62
C ASP B 76 -9.23 -10.72 -24.83
N PHE B 77 -9.56 -9.48 -25.23
CA PHE B 77 -10.46 -9.21 -26.38
C PHE B 77 -9.83 -9.55 -27.73
N LEU B 78 -8.50 -9.42 -27.81
CA LEU B 78 -7.78 -9.59 -29.08
C LEU B 78 -7.18 -10.98 -29.23
N SER B 79 -7.68 -11.74 -30.19
CA SER B 79 -7.19 -13.11 -30.41
C SER B 79 -5.69 -13.13 -30.69
N GLY B 80 -5.20 -12.12 -31.39
CA GLY B 80 -3.79 -12.02 -31.70
C GLY B 80 -2.92 -11.98 -30.45
N PHE B 81 -3.37 -11.25 -29.44
CA PHE B 81 -2.66 -11.19 -28.16
C PHE B 81 -2.69 -12.56 -27.49
N ILE B 82 -3.85 -13.22 -27.55
CA ILE B 82 -4.01 -14.51 -26.89
C ILE B 82 -3.18 -15.61 -27.55
N ASP B 83 -3.04 -15.54 -28.88
CA ASP B 83 -2.16 -16.48 -29.56
C ASP B 83 -0.72 -16.34 -29.06
N ILE B 84 -0.29 -15.09 -28.86
CA ILE B 84 1.05 -14.83 -28.34
C ILE B 84 1.15 -15.31 -26.89
N PHE B 85 0.11 -15.03 -26.12
CA PHE B 85 0.03 -15.47 -24.72
C PHE B 85 0.26 -16.98 -24.65
N ASN B 86 -0.48 -17.71 -25.47
CA ASN B 86 -0.40 -19.16 -25.43
C ASN B 86 0.94 -19.69 -25.96
N ARG B 87 1.47 -19.03 -26.98
CA ARG B 87 2.80 -19.37 -27.50
C ARG B 87 3.82 -19.22 -26.37
N ASN B 88 3.73 -18.10 -25.66
CA ASN B 88 4.65 -17.83 -24.55
C ASN B 88 4.49 -18.81 -23.38
N ALA B 89 3.25 -19.17 -23.08
CA ALA B 89 3.01 -20.17 -22.05
C ALA B 89 3.62 -21.52 -22.44
N ARG B 90 3.48 -21.89 -23.71
CA ARG B 90 4.07 -23.14 -24.19
C ARG B 90 5.59 -23.10 -24.17
N GLN B 91 6.16 -21.97 -24.62
CA GLN B 91 7.61 -21.80 -24.62
C GLN B 91 8.14 -21.92 -23.18
N SER B 92 7.35 -21.46 -22.23
CA SER B 92 7.71 -21.48 -20.82
C SER B 92 7.41 -22.83 -20.15
N GLY B 93 6.73 -23.72 -20.86
CA GLY B 93 6.30 -24.99 -20.29
C GLY B 93 5.25 -24.80 -19.20
N LEU B 94 4.47 -23.73 -19.30
CA LEU B 94 3.46 -23.40 -18.30
C LEU B 94 2.05 -23.75 -18.77
N GLN B 95 1.95 -24.38 -19.94
CA GLN B 95 0.65 -24.55 -20.59
C GLN B 95 -0.30 -25.46 -19.82
N ASN B 96 0.23 -26.26 -18.91
CA ASN B 96 -0.62 -27.16 -18.13
C ASN B 96 -1.32 -26.47 -16.96
N ARG B 97 -0.95 -25.22 -16.68
CA ARG B 97 -1.66 -24.50 -15.63
C ARG B 97 -1.86 -23.02 -15.91
N VAL B 98 -1.36 -22.56 -17.06
CA VAL B 98 -1.60 -21.19 -17.51
C VAL B 98 -2.18 -21.22 -18.91
N THR B 99 -3.37 -20.67 -19.09
CA THR B 99 -4.04 -20.73 -20.38
C THR B 99 -4.67 -19.38 -20.72
N GLY B 100 -4.55 -18.98 -21.99
CA GLY B 100 -5.15 -17.77 -22.48
C GLY B 100 -6.40 -18.05 -23.30
N ILE B 101 -7.45 -17.29 -23.04
CA ILE B 101 -8.70 -17.43 -23.79
C ILE B 101 -9.17 -16.08 -24.31
N VAL B 102 -9.84 -16.10 -25.45
CA VAL B 102 -10.39 -14.89 -26.03
C VAL B 102 -11.76 -14.62 -25.43
N GLY B 103 -11.98 -13.39 -24.97
CA GLY B 103 -13.27 -13.02 -24.40
C GLY B 103 -13.36 -11.54 -24.12
N SER B 104 -14.50 -11.09 -23.60
CA SER B 104 -14.66 -9.69 -23.26
C SER B 104 -14.90 -9.53 -21.76
N ASP B 106 -16.67 -7.58 -20.17
CA ASP B 106 -18.05 -7.26 -19.81
C ASP B 106 -18.96 -8.48 -19.94
N ASP B 107 -18.34 -9.63 -20.21
CA ASP B 107 -19.08 -10.87 -20.42
C ASP B 107 -18.18 -12.04 -20.07
N LEU B 108 -17.76 -12.10 -18.80
CA LEU B 108 -16.80 -13.09 -18.32
C LEU B 108 -17.44 -14.48 -18.24
N PRO B 109 -16.66 -15.52 -18.56
CA PRO B 109 -17.17 -16.89 -18.64
C PRO B 109 -17.17 -17.63 -17.31
N PHE B 110 -16.76 -16.97 -16.24
CA PHE B 110 -16.59 -17.64 -14.95
C PHE B 110 -17.91 -17.83 -14.20
N ARG B 111 -17.94 -18.82 -13.32
CA ARG B 111 -19.12 -19.04 -12.49
C ARG B 111 -19.03 -18.14 -11.26
N ASN B 112 -20.17 -17.88 -10.63
CA ASN B 112 -20.19 -17.13 -9.38
C ASN B 112 -19.28 -17.78 -8.34
N GLU B 113 -18.49 -16.95 -7.65
CA GLU B 113 -17.61 -17.41 -6.58
C GLU B 113 -16.61 -18.49 -7.02
N GLU B 114 -16.17 -18.42 -8.27
CA GLU B 114 -15.22 -19.41 -8.80
C GLU B 114 -13.79 -19.05 -8.44
N LEU B 115 -13.47 -17.76 -8.43
CA LEU B 115 -12.08 -17.31 -8.42
C LEU B 115 -11.56 -16.85 -7.07
N ASP B 116 -10.29 -17.13 -6.80
CA ASP B 116 -9.63 -16.65 -5.60
C ASP B 116 -8.98 -15.30 -5.83
N LEU B 117 -8.70 -15.00 -7.09
CA LEU B 117 -7.96 -13.79 -7.43
C LEU B 117 -8.29 -13.37 -8.84
N ILE B 118 -8.70 -12.11 -9.00
CA ILE B 118 -8.81 -11.50 -10.31
C ILE B 118 -7.75 -10.43 -10.42
N TRP B 119 -6.90 -10.58 -11.45
CA TRP B 119 -5.82 -9.66 -11.75
C TRP B 119 -6.24 -8.84 -12.96
N SER B 120 -5.86 -7.56 -12.99
CA SER B 120 -6.04 -6.79 -14.21
C SER B 120 -5.14 -5.58 -14.21
N GLU B 121 -4.13 -5.58 -15.08
CA GLU B 121 -3.23 -4.43 -15.16
C GLU B 121 -3.51 -3.60 -16.40
N GLY B 122 -3.74 -2.31 -16.19
CA GLY B 122 -3.93 -1.36 -17.29
C GLY B 122 -5.04 -1.77 -18.23
N ALA B 123 -6.14 -2.28 -17.69
CA ALA B 123 -7.21 -2.83 -18.54
C ALA B 123 -8.62 -2.53 -18.07
N ILE B 124 -8.79 -2.30 -16.77
CA ILE B 124 -10.15 -2.12 -16.25
C ILE B 124 -10.83 -0.87 -16.82
N TYR B 125 -10.03 0.10 -17.25
CA TYR B 125 -10.59 1.32 -17.87
C TYR B 125 -11.45 1.03 -19.09
N ASN B 126 -11.26 -0.13 -19.71
CA ASN B 126 -12.05 -0.47 -20.89
C ASN B 126 -13.53 -0.62 -20.58
N ILE B 127 -13.83 -0.98 -19.34
CA ILE B 127 -15.21 -1.14 -18.89
C ILE B 127 -15.58 -0.05 -17.89
N GLY B 128 -14.55 0.54 -17.29
CA GLY B 128 -14.73 1.56 -16.27
C GLY B 128 -14.44 1.02 -14.89
N PHE B 129 -13.71 1.79 -14.10
CA PHE B 129 -13.26 1.35 -12.78
C PHE B 129 -14.42 0.85 -11.91
N GLU B 130 -15.39 1.72 -11.66
CA GLU B 130 -16.48 1.34 -10.76
C GLU B 130 -17.30 0.18 -11.30
N ARG B 131 -17.54 0.19 -12.61
CA ARG B 131 -18.30 -0.88 -13.23
C ARG B 131 -17.58 -2.22 -13.05
N GLY B 132 -16.29 -2.24 -13.33
CA GLY B 132 -15.49 -3.43 -13.13
C GLY B 132 -15.49 -3.90 -11.67
N LEU B 133 -15.23 -2.99 -10.75
CA LEU B 133 -15.26 -3.33 -9.33
C LEU B 133 -16.56 -4.04 -8.98
N ASN B 134 -17.66 -3.49 -9.47
CA ASN B 134 -18.96 -4.01 -9.12
C ASN B 134 -19.33 -5.29 -9.87
N GLU B 135 -19.08 -5.35 -11.17
CA GLU B 135 -19.44 -6.53 -11.96
C GLU B 135 -18.57 -7.74 -11.67
N TRP B 136 -17.29 -7.52 -11.40
CA TRP B 136 -16.38 -8.64 -11.27
C TRP B 136 -16.51 -9.30 -9.90
N ARG B 137 -17.08 -8.57 -8.95
CA ARG B 137 -17.18 -9.05 -7.58
C ARG B 137 -17.87 -10.40 -7.46
N LYS B 138 -18.88 -10.65 -8.30
CA LYS B 138 -19.65 -11.88 -8.17
C LYS B 138 -18.82 -13.13 -8.52
N TYR B 139 -17.76 -12.94 -9.30
CA TYR B 139 -16.92 -14.08 -9.70
C TYR B 139 -15.90 -14.49 -8.66
N LEU B 140 -15.71 -13.65 -7.64
CA LEU B 140 -14.75 -13.96 -6.57
C LEU B 140 -15.38 -14.74 -5.44
N LYS B 141 -14.64 -15.70 -4.91
CA LYS B 141 -15.00 -16.30 -3.64
C LYS B 141 -15.05 -15.25 -2.55
N LYS B 142 -15.87 -15.50 -1.53
CA LYS B 142 -15.84 -14.66 -0.34
C LYS B 142 -14.42 -14.68 0.20
N GLY B 143 -13.89 -13.50 0.49
CA GLY B 143 -12.52 -13.40 0.96
C GLY B 143 -11.50 -13.43 -0.15
N GLY B 144 -11.96 -13.52 -1.40
CA GLY B 144 -11.06 -13.48 -2.55
C GLY B 144 -10.58 -12.06 -2.82
N TYR B 145 -9.65 -11.93 -3.77
CA TYR B 145 -9.00 -10.64 -4.02
C TYR B 145 -9.14 -10.15 -5.44
N LEU B 146 -9.21 -8.82 -5.57
CA LEU B 146 -9.12 -8.12 -6.84
C LEU B 146 -7.83 -7.32 -6.77
N ALA B 147 -7.00 -7.42 -7.81
CA ALA B 147 -5.78 -6.63 -7.86
C ALA B 147 -5.75 -5.96 -9.22
N VAL B 148 -5.98 -4.66 -9.27
CA VAL B 148 -6.07 -3.96 -10.56
C VAL B 148 -5.31 -2.65 -10.53
N SER B 149 -4.70 -2.30 -11.67
CA SER B 149 -4.05 -1.00 -11.79
C SER B 149 -4.91 -0.10 -12.67
N GLU B 150 -4.97 1.18 -12.31
CA GLU B 150 -5.90 2.12 -12.91
C GLU B 150 -5.26 3.50 -12.97
N CYS B 151 -5.61 4.30 -13.98
CA CYS B 151 -5.03 5.63 -14.06
C CYS B 151 -5.61 6.52 -12.98
N SER B 152 -4.76 7.39 -12.42
CA SER B 152 -5.16 8.27 -11.32
C SER B 152 -4.65 9.68 -11.55
N TRP B 153 -5.45 10.67 -11.13
CA TRP B 153 -4.95 12.02 -10.93
C TRP B 153 -4.16 12.07 -9.62
N PHE B 154 -3.09 12.86 -9.58
CA PHE B 154 -2.32 13.05 -8.36
C PHE B 154 -2.71 14.32 -7.60
N THR B 155 -3.47 15.19 -8.26
CA THR B 155 -3.89 16.46 -7.68
C THR B 155 -5.35 16.75 -8.02
N ASP B 156 -5.91 17.80 -7.42
CA ASP B 156 -7.30 18.15 -7.65
C ASP B 156 -7.47 19.12 -8.82
N GLU B 157 -6.41 19.84 -9.13
CA GLU B 157 -6.43 20.74 -10.28
C GLU B 157 -5.13 20.61 -11.07
N ARG B 158 -5.20 20.90 -12.36
CA ARG B 158 -4.13 20.56 -13.28
C ARG B 158 -4.28 21.43 -14.51
N PRO B 159 -3.24 21.49 -15.35
CA PRO B 159 -3.32 22.26 -16.59
C PRO B 159 -4.45 21.77 -17.50
N ALA B 160 -5.04 22.67 -18.25
CA ALA B 160 -6.17 22.35 -19.10
C ALA B 160 -5.82 21.30 -20.15
N GLU B 161 -4.62 21.39 -20.70
CA GLU B 161 -4.24 20.48 -21.77
C GLU B 161 -4.33 19.02 -21.33
N ILE B 162 -3.78 18.70 -20.16
CA ILE B 162 -3.79 17.30 -19.72
C ILE B 162 -5.18 16.88 -19.24
N ASN B 163 -5.91 17.81 -18.60
CA ASN B 163 -7.28 17.51 -18.21
C ASN B 163 -8.13 17.18 -19.43
N ASP B 164 -8.00 18.01 -20.46
CA ASP B 164 -8.80 17.84 -21.69
C ASP B 164 -8.48 16.51 -22.38
N PHE B 165 -7.20 16.14 -22.38
CA PHE B 165 -6.80 14.87 -22.99
C PHE B 165 -7.50 13.69 -22.34
N TRP B 166 -7.49 13.66 -21.01
CA TRP B 166 -8.14 12.56 -20.29
C TRP B 166 -9.67 12.60 -20.36
N ASP B 168 -11.32 13.33 -22.75
CA ASP B 168 -11.61 12.80 -24.06
C ASP B 168 -11.34 11.29 -24.11
N ALA B 169 -10.22 10.87 -23.52
CA ALA B 169 -9.77 9.49 -23.60
C ALA B 169 -10.45 8.58 -22.57
N TYR B 170 -10.58 9.05 -21.35
CA TYR B 170 -11.11 8.24 -20.25
C TYR B 170 -11.53 9.14 -19.09
N PRO B 171 -12.74 9.68 -19.17
CA PRO B 171 -13.21 10.67 -18.19
C PRO B 171 -13.33 10.11 -16.78
N GLU B 172 -13.29 8.79 -16.63
CA GLU B 172 -13.46 8.19 -15.30
C GLU B 172 -12.18 8.29 -14.44
N ILE B 173 -11.08 8.76 -15.03
CA ILE B 173 -9.87 8.98 -14.24
C ILE B 173 -10.22 9.84 -13.02
N ASP B 174 -9.62 9.54 -11.87
CA ASP B 174 -10.02 10.20 -10.63
C ASP B 174 -8.83 10.21 -9.67
N THR B 175 -8.98 10.93 -8.56
CA THR B 175 -7.92 11.02 -7.57
C THR B 175 -7.87 9.74 -6.73
N ILE B 176 -6.75 9.49 -6.07
CA ILE B 176 -6.57 8.25 -5.31
C ILE B 176 -7.53 8.13 -4.12
N PRO B 177 -7.70 9.22 -3.33
CA PRO B 177 -8.67 9.09 -2.24
C PRO B 177 -10.07 8.75 -2.76
N ASN B 178 -10.47 9.33 -3.89
CA ASN B 178 -11.76 9.00 -4.48
C ASN B 178 -11.83 7.55 -4.94
N GLN B 179 -10.75 7.05 -5.50
CA GLN B 179 -10.72 5.67 -5.98
C GLN B 179 -10.74 4.66 -4.82
N VAL B 180 -10.03 4.96 -3.75
CA VAL B 180 -10.06 4.10 -2.57
C VAL B 180 -11.47 4.08 -1.99
N ALA B 181 -12.13 5.23 -2.01
CA ALA B 181 -13.51 5.30 -1.55
C ALA B 181 -14.40 4.42 -2.43
N LYS B 182 -14.12 4.38 -3.72
CA LYS B 182 -14.90 3.57 -4.65
C LYS B 182 -14.69 2.07 -4.40
N ILE B 183 -13.46 1.68 -4.06
CA ILE B 183 -13.15 0.29 -3.70
C ILE B 183 -14.01 -0.13 -2.50
N HIS B 184 -14.01 0.71 -1.48
CA HIS B 184 -14.76 0.49 -0.25
C HIS B 184 -16.27 0.39 -0.53
N LYS B 185 -16.78 1.35 -1.30
CA LYS B 185 -18.18 1.40 -1.66
C LYS B 185 -18.63 0.19 -2.49
N ALA B 186 -17.71 -0.40 -3.24
CA ALA B 186 -18.04 -1.56 -4.07
C ALA B 186 -18.05 -2.85 -3.26
N GLY B 187 -17.70 -2.75 -1.98
CA GLY B 187 -17.75 -3.90 -1.09
C GLY B 187 -16.43 -4.64 -0.90
N TYR B 188 -15.32 -3.91 -1.02
CA TYR B 188 -14.01 -4.51 -0.81
C TYR B 188 -13.26 -3.75 0.25
N LEU B 189 -12.48 -4.48 1.04
CA LEU B 189 -11.52 -3.89 1.96
C LEU B 189 -10.28 -3.47 1.18
N PRO B 190 -9.89 -2.20 1.26
CA PRO B 190 -8.72 -1.77 0.46
C PRO B 190 -7.42 -2.17 1.16
N VAL B 191 -7.02 -3.42 0.95
CA VAL B 191 -5.88 -4.01 1.66
C VAL B 191 -4.57 -3.31 1.31
N ALA B 192 -4.42 -2.91 0.06
CA ALA B 192 -3.21 -2.20 -0.33
C ALA B 192 -3.48 -1.35 -1.55
N THR B 193 -2.91 -0.15 -1.56
CA THR B 193 -3.06 0.78 -2.68
C THR B 193 -1.73 1.46 -2.84
N PHE B 194 -1.10 1.36 -4.01
CA PHE B 194 0.19 2.00 -4.18
C PHE B 194 0.39 2.55 -5.58
N ILE B 195 1.13 3.66 -5.66
CA ILE B 195 1.39 4.33 -6.94
C ILE B 195 2.57 3.68 -7.67
N LEU B 196 2.42 3.49 -8.98
CA LEU B 196 3.51 2.95 -9.78
C LEU B 196 4.60 3.99 -9.98
N PRO B 197 5.86 3.56 -9.85
CA PRO B 197 7.02 4.42 -10.13
C PRO B 197 7.04 4.86 -11.59
N GLU B 198 7.67 6.00 -11.83
CA GLU B 198 7.84 6.54 -13.17
C GLU B 198 8.47 5.53 -14.12
N ASN B 199 9.35 4.66 -13.63
CA ASN B 199 10.03 3.75 -14.55
C ASN B 199 9.08 2.76 -15.21
N CYS B 200 7.90 2.58 -14.62
CA CYS B 200 6.88 1.69 -15.19
C CYS B 200 6.32 2.27 -16.48
N TRP B 201 6.39 3.59 -16.60
CA TRP B 201 5.93 4.30 -17.78
C TRP B 201 7.01 4.46 -18.83
N THR B 202 8.23 4.72 -18.37
CA THR B 202 9.33 5.04 -19.28
C THR B 202 10.10 3.78 -19.70
N ASP B 203 10.97 3.28 -18.83
CA ASP B 203 11.76 2.09 -19.15
C ASP B 203 10.89 0.92 -19.61
N HIS B 204 9.73 0.76 -18.97
CA HIS B 204 8.94 -0.45 -19.15
C HIS B 204 7.80 -0.30 -20.14
N TYR B 205 7.61 0.90 -20.67
CA TYR B 205 6.48 1.11 -21.55
C TYR B 205 6.84 2.01 -22.74
N PHE B 206 7.13 3.27 -22.49
CA PHE B 206 7.41 4.18 -23.62
C PHE B 206 8.65 3.78 -24.41
N THR B 207 9.67 3.31 -23.72
CA THR B 207 10.89 2.90 -24.42
C THR B 207 10.64 1.72 -25.37
N PRO B 208 10.00 0.65 -24.88
CA PRO B 208 9.61 -0.44 -25.78
C PRO B 208 8.66 0.04 -26.88
N LYS B 209 7.82 1.02 -26.56
CA LYS B 209 6.86 1.51 -27.52
C LYS B 209 7.53 2.20 -28.70
N VAL B 210 8.57 2.97 -28.44
CA VAL B 210 9.31 3.63 -29.52
C VAL B 210 9.92 2.60 -30.46
N ALA B 211 10.47 1.52 -29.88
CA ALA B 211 11.06 0.46 -30.69
C ALA B 211 9.98 -0.22 -31.52
N ALA B 212 8.82 -0.46 -30.90
CA ALA B 212 7.70 -1.08 -31.62
C ALA B 212 7.25 -0.17 -32.75
N GLN B 213 7.30 1.13 -32.49
CA GLN B 213 6.94 2.15 -33.46
C GLN B 213 7.81 2.07 -34.72
N LYS B 214 9.13 1.97 -34.53
CA LYS B 214 10.03 1.85 -35.68
C LYS B 214 9.72 0.61 -36.53
N ILE B 215 9.46 -0.51 -35.85
CA ILE B 215 9.18 -1.77 -36.55
C ILE B 215 7.88 -1.66 -37.33
N PHE B 216 6.89 -1.07 -36.68
CA PHE B 216 5.57 -0.85 -37.26
C PHE B 216 5.67 0.04 -38.49
N LEU B 217 6.38 1.16 -38.36
CA LEU B 217 6.53 2.08 -39.49
C LEU B 217 7.34 1.50 -40.64
N THR B 218 8.20 0.53 -40.33
CA THR B 218 8.95 -0.14 -41.39
C THR B 218 8.04 -1.11 -42.14
N LYS B 219 7.27 -1.88 -41.38
CA LYS B 219 6.35 -2.85 -41.95
C LYS B 219 5.30 -2.17 -42.82
N TYR B 220 4.79 -1.05 -42.33
CA TYR B 220 3.74 -0.31 -43.04
C TYR B 220 4.24 1.00 -43.67
N ALA B 221 5.51 1.02 -44.06
CA ALA B 221 6.09 2.22 -44.67
C ALA B 221 5.18 2.76 -45.76
N GLY B 222 4.85 4.05 -45.67
CA GLY B 222 4.08 4.72 -46.70
C GLY B 222 2.59 4.57 -46.57
N ASN B 223 2.16 3.72 -45.64
CA ASN B 223 0.73 3.53 -45.40
C ASN B 223 0.15 4.61 -44.50
N LYS B 224 -0.77 5.39 -45.04
CA LYS B 224 -1.32 6.55 -44.35
C LYS B 224 -2.05 6.18 -43.07
N ILE B 225 -2.71 5.02 -43.07
CA ILE B 225 -3.43 4.56 -41.89
C ILE B 225 -2.45 4.27 -40.75
N ALA B 226 -1.43 3.48 -41.05
CA ALA B 226 -0.42 3.13 -40.06
C ALA B 226 0.31 4.36 -39.56
N GLU B 227 0.57 5.29 -40.47
CA GLU B 227 1.27 6.52 -40.12
C GLU B 227 0.44 7.36 -39.15
N GLU B 228 -0.88 7.36 -39.35
CA GLU B 228 -1.79 8.09 -38.48
C GLU B 228 -1.79 7.50 -37.08
N PHE B 229 -2.05 6.21 -37.00
CA PHE B 229 -2.05 5.50 -35.72
C PHE B 229 -0.74 5.79 -34.98
N SER B 230 0.37 5.68 -35.68
CA SER B 230 1.69 5.85 -35.07
C SER B 230 1.86 7.25 -34.49
N LEU B 232 -0.36 9.25 -33.40
CA LEU B 232 -1.23 9.43 -32.25
C LEU B 232 -0.66 8.71 -31.02
N GLN B 233 0.15 7.69 -31.25
CA GLN B 233 0.84 7.00 -30.17
C GLN B 233 1.94 7.90 -29.58
N SER B 234 2.56 8.70 -30.45
CA SER B 234 3.61 9.62 -30.02
C SER B 234 3.06 10.67 -29.06
N ILE B 235 1.79 11.06 -29.25
CA ILE B 235 1.16 12.05 -28.41
C ILE B 235 1.13 11.62 -26.93
N GLU B 236 0.84 10.35 -26.70
CA GLU B 236 0.74 9.82 -25.33
C GLU B 236 2.03 10.07 -24.55
N GLU B 237 3.18 9.82 -25.19
CA GLU B 237 4.47 10.00 -24.52
C GLU B 237 4.80 11.48 -24.32
N GLU B 238 4.47 12.31 -25.30
CA GLU B 238 4.72 13.74 -25.19
C GLU B 238 3.98 14.30 -23.98
N LEU B 239 2.73 13.89 -23.81
CA LEU B 239 1.92 14.36 -22.70
C LEU B 239 2.46 13.90 -21.35
N TYR B 240 2.92 12.66 -21.29
CA TYR B 240 3.48 12.14 -20.04
C TYR B 240 4.73 12.94 -19.63
N HIS B 241 5.64 13.15 -20.57
CA HIS B 241 6.88 13.86 -20.23
C HIS B 241 6.57 15.26 -19.73
N LYS B 242 5.54 15.87 -20.30
CA LYS B 242 5.15 17.23 -19.93
C LYS B 242 4.36 17.28 -18.63
N TYR B 243 3.48 16.30 -18.41
CA TYR B 243 2.51 16.39 -17.32
C TYR B 243 2.54 15.27 -16.28
N LYS B 244 3.60 14.48 -16.27
CA LYS B 244 3.69 13.34 -15.36
C LYS B 244 3.53 13.67 -13.87
N GLU B 245 3.70 14.94 -13.50
CA GLU B 245 3.55 15.35 -12.10
C GLU B 245 2.08 15.25 -11.69
N TYR B 246 1.19 15.22 -12.68
CA TYR B 246 -0.24 15.30 -12.45
C TYR B 246 -1.01 13.99 -12.51
N TYR B 247 -0.40 12.95 -13.07
CA TYR B 247 -1.11 11.68 -13.20
C TYR B 247 -0.18 10.49 -13.32
N GLY B 248 -0.74 9.31 -13.10
CA GLY B 248 0.00 8.07 -13.26
C GLY B 248 -0.92 6.89 -13.11
N TYR B 249 -0.36 5.77 -12.64
CA TYR B 249 -1.12 4.56 -12.41
C TYR B 249 -1.02 4.21 -10.94
N THR B 250 -2.09 3.63 -10.42
CA THR B 250 -2.15 3.18 -9.03
C THR B 250 -2.62 1.74 -9.03
N PHE B 251 -2.01 0.91 -8.18
CA PHE B 251 -2.41 -0.48 -8.04
C PHE B 251 -3.32 -0.58 -6.81
N PHE B 252 -4.48 -1.19 -7.01
CA PHE B 252 -5.43 -1.40 -5.92
C PHE B 252 -5.58 -2.89 -5.66
N ILE B 253 -5.29 -3.30 -4.43
CA ILE B 253 -5.47 -4.68 -4.03
C ILE B 253 -6.59 -4.68 -3.01
N ALA B 254 -7.64 -5.42 -3.33
CA ALA B 254 -8.91 -5.30 -2.61
C ALA B 254 -9.48 -6.67 -2.23
N LYS B 255 -9.91 -6.82 -0.99
CA LYS B 255 -10.45 -8.09 -0.53
C LYS B 255 -11.97 -8.03 -0.47
N LYS B 256 -12.62 -8.99 -1.11
CA LYS B 256 -14.08 -9.08 -1.04
C LYS B 256 -14.52 -9.51 0.35
N ILE B 257 -15.18 -8.62 1.07
CA ILE B 257 -15.62 -8.95 2.42
C ILE B 257 -17.12 -8.71 2.60
N ARG B 258 -17.77 -9.60 3.34
CA ARG B 258 -19.21 -9.56 3.50
C ARG B 258 -19.68 -8.33 4.27
N LEU B 259 -18.86 -7.88 5.21
CA LEU B 259 -19.25 -6.75 6.06
C LEU B 259 -19.44 -5.45 5.27
N LEU B 260 -18.92 -5.42 4.04
CA LEU B 260 -19.08 -4.24 3.20
C LEU B 260 -20.20 -4.43 2.17
N GLU B 261 -21.12 -5.34 2.47
CA GLU B 261 -22.34 -5.56 1.69
C GLU B 261 -22.21 -6.66 0.65
#